data_7RJN
#
_entry.id   7RJN
#
_cell.length_a   42.729
_cell.length_b   54.793
_cell.length_c   122.242
_cell.angle_alpha   90
_cell.angle_beta   90
_cell.angle_gamma   90
#
_symmetry.space_group_name_H-M   'P 21 21 21'
#
loop_
_entity.id
_entity.type
_entity.pdbx_description
1 polymer 'Bromodomain-containing protein 3'
2 polymer 'Bcl-2-associated transcription factor 1'
3 non-polymer 1,2-ETHANEDIOL
4 water water
#
loop_
_entity_poly.entity_id
_entity_poly.type
_entity_poly.pdbx_seq_one_letter_code
_entity_poly.pdbx_strand_id
1 'polypeptide(L)'
;SMPEVSNPSKPGRKTNQLQYMQNVVVKTLWKHQFAWPFYQPVDAIKLNLPDYHKIIKNPMDMGTIKKRLENNYYWSASEC
MQDFNTMFTNCYIYNKPTDDIVLMAQALEKIFLQKVAQMPQEE
;
A,B
2 'polypeptide(L)' TA(ALY)TG(ALY)FLKR C,D
#
# COMPACT_ATOMS: atom_id res chain seq x y z
N SER A 1 16.39 7.64 -16.79
CA SER A 1 17.04 6.34 -16.93
C SER A 1 16.44 5.31 -15.95
N MET A 2 16.92 4.07 -16.03
CA MET A 2 16.44 3.03 -15.13
C MET A 2 16.91 3.31 -13.72
N PRO A 3 16.11 2.99 -12.69
CA PRO A 3 16.54 3.25 -11.31
C PRO A 3 17.77 2.43 -10.96
N GLU A 4 18.54 2.93 -10.00
CA GLU A 4 19.75 2.22 -9.59
C GLU A 4 19.37 0.91 -8.92
N VAL A 5 20.15 -0.13 -9.20
CA VAL A 5 19.94 -1.44 -8.59
C VAL A 5 21.13 -1.87 -7.75
N SER A 6 22.10 -0.98 -7.57
CA SER A 6 23.35 -1.19 -6.85
C SER A 6 23.87 0.17 -6.44
N ASN A 7 24.49 0.24 -5.28
CA ASN A 7 25.11 1.49 -4.88
C ASN A 7 26.17 1.17 -3.83
N PRO A 8 27.46 1.37 -4.14
CA PRO A 8 28.51 0.99 -3.18
C PRO A 8 28.51 1.83 -1.91
N SER A 9 27.81 2.97 -1.89
CA SER A 9 27.77 3.83 -0.72
C SER A 9 26.52 3.62 0.13
N LYS A 10 25.59 2.76 -0.30
CA LYS A 10 24.38 2.46 0.48
C LYS A 10 24.56 1.16 1.25
N PRO A 11 24.40 1.15 2.57
CA PRO A 11 24.51 -0.11 3.32
C PRO A 11 23.44 -1.11 2.88
N GLY A 12 23.89 -2.33 2.56
CA GLY A 12 22.98 -3.38 2.17
C GLY A 12 23.41 -4.69 2.79
N ARG A 13 22.51 -5.67 2.70
CA ARG A 13 22.75 -6.99 3.28
C ARG A 13 21.58 -7.87 2.87
N LYS A 14 21.62 -9.10 3.37
CA LYS A 14 20.58 -10.10 3.13
C LYS A 14 20.12 -10.62 4.49
N THR A 15 18.89 -10.29 4.86
CA THR A 15 18.30 -10.78 6.10
C THR A 15 17.30 -11.90 5.81
N ASN A 16 16.82 -12.53 6.88
CA ASN A 16 15.80 -13.55 6.70
C ASN A 16 14.55 -12.97 6.04
N GLN A 17 14.14 -11.78 6.47
CA GLN A 17 12.99 -11.10 5.86
C GLN A 17 13.25 -10.77 4.39
N LEU A 18 14.45 -10.28 4.08
CA LEU A 18 14.74 -9.90 2.70
C LEU A 18 14.76 -11.12 1.79
N GLN A 19 15.23 -12.27 2.31
CA GLN A 19 15.16 -13.50 1.51
C GLN A 19 13.71 -13.94 1.31
N TYR A 20 12.86 -13.71 2.32
CA TYR A 20 11.43 -13.92 2.13
C TYR A 20 10.87 -12.98 1.07
N MET A 21 11.32 -11.73 1.07
CA MET A 21 10.83 -10.79 0.07
C MET A 21 11.20 -11.25 -1.34
N GLN A 22 12.42 -11.75 -1.51
CA GLN A 22 12.90 -12.22 -2.81
C GLN A 22 12.25 -13.54 -3.20
N ASN A 23 12.28 -14.53 -2.32
CA ASN A 23 11.96 -15.90 -2.70
C ASN A 23 10.50 -16.26 -2.50
N VAL A 24 9.72 -15.45 -1.78
CA VAL A 24 8.29 -15.66 -1.61
C VAL A 24 7.47 -14.53 -2.23
N VAL A 25 7.75 -13.28 -1.85
CA VAL A 25 6.89 -12.18 -2.29
C VAL A 25 7.05 -11.93 -3.78
N VAL A 26 8.28 -11.66 -4.22
CA VAL A 26 8.51 -11.37 -5.64
C VAL A 26 8.12 -12.57 -6.49
N LYS A 27 8.49 -13.77 -6.05
CA LYS A 27 8.17 -14.98 -6.81
C LYS A 27 6.66 -15.15 -6.95
N THR A 28 5.92 -15.02 -5.85
CA THR A 28 4.46 -15.13 -5.90
C THR A 28 3.86 -14.09 -6.84
N LEU A 29 4.28 -12.83 -6.70
CA LEU A 29 3.70 -11.79 -7.53
C LEU A 29 4.09 -11.97 -9.00
N TRP A 30 5.34 -12.36 -9.27
CA TRP A 30 5.79 -12.42 -10.66
C TRP A 30 4.95 -13.40 -11.48
N LYS A 31 4.51 -14.49 -10.85
CA LYS A 31 3.72 -15.51 -11.52
C LYS A 31 2.27 -15.09 -11.75
N HIS A 32 1.83 -13.99 -11.15
CA HIS A 32 0.43 -13.61 -11.23
C HIS A 32 0.09 -13.07 -12.62
N GLN A 33 -1.08 -13.46 -13.12
CA GLN A 33 -1.50 -13.06 -14.46
C GLN A 33 -1.62 -11.55 -14.63
N PHE A 34 -1.72 -10.79 -13.53
CA PHE A 34 -1.80 -9.34 -13.57
C PHE A 34 -0.45 -8.65 -13.38
N ALA A 35 0.65 -9.39 -13.22
CA ALA A 35 1.92 -8.77 -12.84
C ALA A 35 2.67 -8.12 -14.01
N TRP A 36 2.42 -8.54 -15.24
CA TRP A 36 3.30 -8.15 -16.35
C TRP A 36 3.44 -6.64 -16.56
N PRO A 37 2.46 -5.77 -16.26
CA PRO A 37 2.71 -4.32 -16.48
C PRO A 37 3.74 -3.74 -15.52
N PHE A 38 4.14 -4.49 -14.50
CA PHE A 38 5.06 -4.06 -13.46
C PHE A 38 6.43 -4.70 -13.58
N TYR A 39 6.67 -5.46 -14.65
CA TYR A 39 7.93 -6.22 -14.78
C TYR A 39 9.11 -5.31 -15.07
N GLN A 40 8.87 -4.17 -15.70
CA GLN A 40 9.93 -3.28 -16.16
C GLN A 40 9.53 -1.86 -15.86
N PRO A 41 10.48 -0.93 -15.77
CA PRO A 41 10.16 0.47 -15.55
C PRO A 41 9.19 0.97 -16.63
N VAL A 42 8.27 1.83 -16.21
CA VAL A 42 7.37 2.48 -17.17
C VAL A 42 8.21 3.20 -18.20
N ASP A 43 7.98 2.91 -19.48
CA ASP A 43 8.70 3.57 -20.58
C ASP A 43 7.72 4.58 -21.17
N ALA A 44 7.82 5.82 -20.66
CA ALA A 44 6.84 6.84 -21.03
C ALA A 44 6.91 7.18 -22.51
N ILE A 45 8.08 7.02 -23.12
CA ILE A 45 8.19 7.23 -24.57
C ILE A 45 7.47 6.12 -25.32
N LYS A 46 7.83 4.86 -25.04
CA LYS A 46 7.24 3.75 -25.77
C LYS A 46 5.73 3.67 -25.57
N LEU A 47 5.26 4.01 -24.36
CA LEU A 47 3.84 3.91 -24.04
C LEU A 47 3.05 5.17 -24.35
N ASN A 48 3.70 6.19 -24.91
CA ASN A 48 3.05 7.45 -25.26
C ASN A 48 2.35 8.06 -24.04
N LEU A 49 3.12 8.23 -22.96
CA LEU A 49 2.67 8.84 -21.72
C LEU A 49 3.56 10.04 -21.46
N PRO A 50 3.42 11.10 -22.27
CA PRO A 50 4.43 12.16 -22.26
C PRO A 50 4.54 12.90 -20.94
N ASP A 51 3.50 12.87 -20.12
CA ASP A 51 3.50 13.57 -18.84
C ASP A 51 3.73 12.62 -17.66
N TYR A 52 4.14 11.38 -17.93
CA TYR A 52 4.29 10.42 -16.83
C TYR A 52 5.27 10.92 -15.79
N HIS A 53 6.43 11.44 -16.23
CA HIS A 53 7.44 11.90 -15.28
C HIS A 53 7.19 13.30 -14.77
N LYS A 54 6.16 13.98 -15.30
CA LYS A 54 5.66 15.18 -14.64
C LYS A 54 4.85 14.82 -13.40
N ILE A 55 4.01 13.80 -13.51
CA ILE A 55 3.12 13.41 -12.41
C ILE A 55 3.83 12.48 -11.43
N ILE A 56 4.67 11.58 -11.93
CA ILE A 56 5.35 10.58 -11.11
C ILE A 56 6.81 10.98 -10.98
N LYS A 57 7.22 11.34 -9.77
CA LYS A 57 8.60 11.78 -9.57
C LYS A 57 9.52 10.66 -9.11
N ASN A 58 8.99 9.55 -8.59
CA ASN A 58 9.79 8.46 -8.04
CA ASN A 58 9.79 8.46 -8.04
C ASN A 58 9.30 7.14 -8.64
N PRO A 59 9.70 6.84 -9.89
CA PRO A 59 9.25 5.59 -10.51
C PRO A 59 9.82 4.37 -9.81
N MET A 60 9.05 3.29 -9.85
CA MET A 60 9.48 2.01 -9.29
C MET A 60 8.76 0.90 -10.03
N ASP A 61 9.40 -0.26 -10.10
CA ASP A 61 8.84 -1.40 -10.82
C ASP A 61 9.39 -2.68 -10.20
N MET A 62 8.71 -3.80 -10.46
CA MET A 62 9.09 -5.07 -9.84
C MET A 62 10.42 -5.59 -10.36
N GLY A 63 10.75 -5.28 -11.62
CA GLY A 63 12.04 -5.67 -12.15
C GLY A 63 13.18 -5.06 -11.36
N THR A 64 13.09 -3.74 -11.11
CA THR A 64 14.07 -3.06 -10.26
C THR A 64 14.12 -3.67 -8.86
N ILE A 65 12.97 -3.91 -8.26
CA ILE A 65 12.92 -4.49 -6.92
C ILE A 65 13.62 -5.85 -6.90
N LYS A 66 13.29 -6.71 -7.86
CA LYS A 66 13.92 -8.03 -7.93
C LYS A 66 15.44 -7.92 -8.08
N LYS A 67 15.92 -7.01 -8.91
CA LYS A 67 17.36 -6.87 -9.10
CA LYS A 67 17.37 -6.86 -9.10
C LYS A 67 18.03 -6.31 -7.84
N ARG A 68 17.37 -5.39 -7.14
CA ARG A 68 17.93 -4.88 -5.89
C ARG A 68 18.07 -6.00 -4.87
N LEU A 69 17.04 -6.86 -4.73
CA LEU A 69 17.15 -8.01 -3.84
C LEU A 69 18.29 -8.91 -4.25
N GLU A 70 18.42 -9.19 -5.55
CA GLU A 70 19.52 -10.02 -6.03
C GLU A 70 20.87 -9.38 -5.71
N ASN A 71 20.95 -8.05 -5.78
CA ASN A 71 22.20 -7.36 -5.48
C ASN A 71 22.42 -7.09 -3.99
N ASN A 72 21.55 -7.58 -3.11
CA ASN A 72 21.61 -7.24 -1.69
C ASN A 72 21.69 -5.72 -1.51
N TYR A 73 20.84 -5.02 -2.25
CA TYR A 73 20.80 -3.56 -2.22
C TYR A 73 20.13 -3.02 -0.96
N TYR A 74 19.16 -3.76 -0.42
CA TYR A 74 18.38 -3.29 0.71
C TYR A 74 19.10 -3.59 2.01
N TRP A 75 18.86 -2.74 3.01
CA TRP A 75 19.25 -3.02 4.38
C TRP A 75 18.17 -3.75 5.17
N SER A 76 16.90 -3.51 4.85
CA SER A 76 15.82 -4.14 5.60
C SER A 76 14.64 -4.41 4.67
N ALA A 77 13.85 -5.41 5.03
CA ALA A 77 12.65 -5.70 4.26
C ALA A 77 11.73 -4.48 4.19
N SER A 78 11.72 -3.66 5.25
CA SER A 78 10.94 -2.43 5.23
C SER A 78 11.23 -1.60 3.97
N GLU A 79 12.51 -1.42 3.64
CA GLU A 79 12.87 -0.66 2.44
C GLU A 79 12.28 -1.29 1.19
N CYS A 80 12.33 -2.61 1.10
CA CYS A 80 11.78 -3.31 -0.06
C CYS A 80 10.26 -3.15 -0.11
N MET A 81 9.59 -3.27 1.04
CA MET A 81 8.14 -3.07 1.09
C MET A 81 7.76 -1.66 0.61
N GLN A 82 8.56 -0.67 0.99
CA GLN A 82 8.25 0.70 0.57
C GLN A 82 8.37 0.85 -0.94
N ASP A 83 9.34 0.18 -1.55
CA ASP A 83 9.47 0.20 -3.01
C ASP A 83 8.23 -0.40 -3.68
N PHE A 84 7.74 -1.55 -3.17
CA PHE A 84 6.48 -2.10 -3.66
C PHE A 84 5.35 -1.07 -3.51
N ASN A 85 5.25 -0.43 -2.34
CA ASN A 85 4.19 0.54 -2.14
C ASN A 85 4.31 1.71 -3.13
N THR A 86 5.53 2.21 -3.33
CA THR A 86 5.74 3.26 -4.33
C THR A 86 5.25 2.82 -5.71
N MET A 87 5.58 1.59 -6.09
CA MET A 87 5.17 1.06 -7.40
C MET A 87 3.65 1.06 -7.55
N PHE A 88 2.94 0.54 -6.55
CA PHE A 88 1.49 0.52 -6.63
C PHE A 88 0.92 1.93 -6.56
N THR A 89 1.43 2.74 -5.63
CA THR A 89 0.87 4.08 -5.44
C THR A 89 1.03 4.92 -6.70
N ASN A 90 2.21 4.86 -7.33
CA ASN A 90 2.44 5.52 -8.62
C ASN A 90 1.35 5.16 -9.61
N CYS A 91 0.98 3.89 -9.66
CA CYS A 91 -0.02 3.45 -10.63
C CYS A 91 -1.38 4.06 -10.34
N TYR A 92 -1.76 4.13 -9.06
CA TYR A 92 -3.04 4.75 -8.69
C TYR A 92 -3.04 6.24 -8.97
N ILE A 93 -1.91 6.89 -8.76
CA ILE A 93 -1.86 8.34 -8.90
C ILE A 93 -1.93 8.72 -10.38
N TYR A 94 -1.18 8.02 -11.22
CA TYR A 94 -1.04 8.43 -12.62
C TYR A 94 -2.26 8.02 -13.44
N ASN A 95 -2.78 6.82 -13.24
CA ASN A 95 -3.75 6.27 -14.17
C ASN A 95 -5.18 6.69 -13.80
N LYS A 96 -6.11 6.45 -14.74
CA LYS A 96 -7.52 6.79 -14.47
C LYS A 96 -8.14 5.74 -13.55
N PRO A 97 -9.04 6.16 -12.65
CA PRO A 97 -9.67 5.19 -11.74
C PRO A 97 -10.30 3.99 -12.45
N THR A 98 -10.83 4.20 -13.66
CA THR A 98 -11.51 3.15 -14.41
C THR A 98 -10.58 2.30 -15.28
N ASP A 99 -9.27 2.59 -15.31
CA ASP A 99 -8.35 1.81 -16.12
C ASP A 99 -8.20 0.38 -15.60
N ASP A 100 -8.07 -0.58 -16.52
CA ASP A 100 -7.76 -1.97 -16.11
C ASP A 100 -6.54 -2.01 -15.19
N ILE A 101 -5.52 -1.22 -15.49
CA ILE A 101 -4.27 -1.40 -14.73
C ILE A 101 -4.46 -1.05 -13.25
N VAL A 102 -5.38 -0.15 -12.95
CA VAL A 102 -5.67 0.17 -11.55
C VAL A 102 -6.30 -1.03 -10.86
N LEU A 103 -7.26 -1.69 -11.51
CA LEU A 103 -7.82 -2.91 -10.96
C LEU A 103 -6.75 -3.97 -10.77
N MET A 104 -5.87 -4.13 -11.77
CA MET A 104 -4.80 -5.12 -11.67
C MET A 104 -3.87 -4.81 -10.50
N ALA A 105 -3.45 -3.55 -10.38
CA ALA A 105 -2.62 -3.16 -9.24
C ALA A 105 -3.31 -3.47 -7.91
N GLN A 106 -4.63 -3.22 -7.81
CA GLN A 106 -5.31 -3.44 -6.53
C GLN A 106 -5.27 -4.91 -6.16
N ALA A 107 -5.49 -5.80 -7.14
CA ALA A 107 -5.45 -7.22 -6.84
C ALA A 107 -4.03 -7.67 -6.51
N LEU A 108 -3.01 -7.15 -7.21
CA LEU A 108 -1.64 -7.52 -6.89
C LEU A 108 -1.25 -7.03 -5.50
N GLU A 109 -1.60 -5.79 -5.18
CA GLU A 109 -1.21 -5.20 -3.90
C GLU A 109 -1.83 -5.97 -2.73
N LYS A 110 -3.06 -6.46 -2.91
CA LYS A 110 -3.66 -7.27 -1.86
C LYS A 110 -2.85 -8.54 -1.60
N ILE A 111 -2.35 -9.18 -2.66
CA ILE A 111 -1.52 -10.37 -2.47
C ILE A 111 -0.20 -9.99 -1.80
N PHE A 112 0.39 -8.87 -2.22
CA PHE A 112 1.62 -8.38 -1.61
C PHE A 112 1.44 -8.22 -0.10
N LEU A 113 0.33 -7.62 0.32
CA LEU A 113 0.12 -7.40 1.76
C LEU A 113 -0.16 -8.72 2.47
N GLN A 114 -0.89 -9.63 1.82
CA GLN A 114 -1.10 -10.95 2.41
C GLN A 114 0.23 -11.63 2.69
N LYS A 115 1.17 -11.54 1.76
CA LYS A 115 2.44 -12.20 1.97
C LYS A 115 3.27 -11.50 3.03
N VAL A 116 3.25 -10.16 3.05
CA VAL A 116 3.97 -9.41 4.06
C VAL A 116 3.43 -9.72 5.46
N ALA A 117 2.12 -9.99 5.57
CA ALA A 117 1.55 -10.32 6.87
C ALA A 117 2.10 -11.61 7.43
N GLN A 118 2.68 -12.48 6.60
CA GLN A 118 3.27 -13.73 7.04
C GLN A 118 4.79 -13.74 6.94
N MET A 119 5.41 -12.57 6.84
CA MET A 119 6.86 -12.48 6.81
C MET A 119 7.43 -12.91 8.17
N PRO A 120 8.59 -13.57 8.19
CA PRO A 120 9.18 -13.94 9.47
C PRO A 120 9.63 -12.72 10.24
N GLN A 121 9.81 -12.91 11.54
CA GLN A 121 10.36 -11.84 12.36
C GLN A 121 11.85 -11.67 12.03
N GLU A 122 12.32 -10.43 12.13
CA GLU A 122 13.75 -10.18 11.96
C GLU A 122 14.56 -10.74 13.12
N MET B 2 -20.38 4.73 8.14
CA MET B 2 -21.39 3.76 7.74
C MET B 2 -20.96 2.29 7.55
N PRO B 3 -19.68 1.97 7.28
CA PRO B 3 -19.32 0.55 7.12
C PRO B 3 -19.53 -0.23 8.40
N GLU B 4 -19.68 -1.54 8.26
CA GLU B 4 -20.01 -2.33 9.43
C GLU B 4 -18.78 -2.49 10.31
N VAL B 5 -19.02 -2.51 11.62
CA VAL B 5 -17.97 -2.77 12.60
C VAL B 5 -18.26 -4.00 13.44
N SER B 6 -19.38 -4.68 13.19
CA SER B 6 -19.79 -5.88 13.92
C SER B 6 -20.59 -6.75 12.97
N ASN B 7 -20.31 -8.04 12.99
CA ASN B 7 -21.12 -8.97 12.20
C ASN B 7 -21.30 -10.26 12.98
N PRO B 8 -22.55 -10.63 13.31
CA PRO B 8 -22.76 -11.84 14.13
C PRO B 8 -22.36 -13.12 13.42
N SER B 9 -22.28 -13.11 12.09
CA SER B 9 -21.95 -14.29 11.32
C SER B 9 -20.49 -14.36 10.90
N LYS B 10 -19.72 -13.29 11.11
CA LYS B 10 -18.31 -13.27 10.70
C LYS B 10 -17.43 -13.79 11.82
N PRO B 11 -16.61 -14.81 11.58
CA PRO B 11 -15.66 -15.25 12.62
C PRO B 11 -14.63 -14.17 12.89
N GLY B 12 -14.50 -13.79 14.16
CA GLY B 12 -13.43 -12.92 14.60
C GLY B 12 -12.77 -13.52 15.83
N ARG B 13 -11.63 -12.95 16.21
CA ARG B 13 -10.90 -13.49 17.35
C ARG B 13 -9.88 -12.47 17.86
N LYS B 14 -9.18 -12.88 18.90
CA LYS B 14 -8.22 -12.05 19.62
C LYS B 14 -6.85 -12.66 19.39
N THR B 15 -5.93 -11.91 18.78
CA THR B 15 -4.58 -12.42 18.57
C THR B 15 -3.55 -11.39 19.00
N ASN B 16 -2.36 -11.89 19.33
CA ASN B 16 -1.29 -10.99 19.71
CA ASN B 16 -1.22 -11.05 19.66
C ASN B 16 -0.96 -10.01 18.58
N GLN B 17 -1.12 -10.42 17.32
CA GLN B 17 -0.83 -9.55 16.19
C GLN B 17 -1.91 -8.51 15.99
N LEU B 18 -3.18 -8.88 16.19
CA LEU B 18 -4.24 -7.89 16.18
C LEU B 18 -4.08 -6.90 17.33
N GLN B 19 -3.58 -7.37 18.47
CA GLN B 19 -3.25 -6.46 19.57
C GLN B 19 -2.20 -5.44 19.13
N TYR B 20 -1.20 -5.89 18.39
CA TYR B 20 -0.18 -4.98 17.85
C TYR B 20 -0.78 -3.97 16.89
N MET B 21 -1.68 -4.41 15.99
CA MET B 21 -2.36 -3.49 15.09
C MET B 21 -3.10 -2.40 15.87
N GLN B 22 -3.72 -2.76 16.99
CA GLN B 22 -4.45 -1.77 17.78
C GLN B 22 -3.51 -0.86 18.56
N ASN B 23 -2.59 -1.45 19.33
CA ASN B 23 -1.80 -0.70 20.31
C ASN B 23 -0.57 -0.03 19.72
N VAL B 24 -0.08 -0.48 18.58
CA VAL B 24 1.09 0.11 17.95
C VAL B 24 0.72 0.80 16.64
N VAL B 25 0.07 0.08 15.72
CA VAL B 25 -0.20 0.66 14.40
C VAL B 25 -1.22 1.79 14.51
N VAL B 26 -2.44 1.48 14.98
CA VAL B 26 -3.47 2.52 15.03
C VAL B 26 -3.01 3.66 15.92
N LYS B 27 -2.49 3.35 17.11
CA LYS B 27 -2.15 4.43 18.03
C LYS B 27 -1.05 5.32 17.47
N THR B 28 -0.03 4.74 16.82
CA THR B 28 1.03 5.56 16.23
C THR B 28 0.47 6.44 15.12
N LEU B 29 -0.32 5.87 14.21
CA LEU B 29 -0.88 6.65 13.12
C LEU B 29 -1.84 7.70 13.63
N TRP B 30 -2.67 7.37 14.62
CA TRP B 30 -3.69 8.31 15.09
C TRP B 30 -3.06 9.59 15.63
N LYS B 31 -1.90 9.48 16.28
CA LYS B 31 -1.28 10.67 16.84
C LYS B 31 -0.57 11.51 15.79
N HIS B 32 -0.43 11.01 14.56
CA HIS B 32 0.28 11.75 13.53
C HIS B 32 -0.48 13.01 13.13
N GLN B 33 0.27 14.08 12.88
CA GLN B 33 -0.33 15.38 12.52
C GLN B 33 -1.08 15.33 11.19
N PHE B 34 -0.82 14.35 10.33
CA PHE B 34 -1.48 14.20 9.04
C PHE B 34 -2.65 13.23 9.10
N ALA B 35 -3.01 12.72 10.28
CA ALA B 35 -3.95 11.62 10.32
C ALA B 35 -5.40 12.05 10.30
N TRP B 36 -5.70 13.30 10.70
CA TRP B 36 -7.09 13.75 10.87
C TRP B 36 -8.00 13.52 9.67
N PRO B 37 -7.54 13.57 8.40
CA PRO B 37 -8.47 13.29 7.29
C PRO B 37 -8.96 11.84 7.25
N PHE B 38 -8.36 10.94 8.03
CA PHE B 38 -8.69 9.52 7.97
C PHE B 38 -9.40 9.04 9.22
N TYR B 39 -9.75 9.95 10.14
CA TYR B 39 -10.37 9.56 11.41
C TYR B 39 -11.79 9.05 11.24
N GLN B 40 -12.49 9.44 10.18
CA GLN B 40 -13.90 9.16 10.02
C GLN B 40 -14.17 8.82 8.56
N PRO B 41 -15.24 8.08 8.27
CA PRO B 41 -15.59 7.81 6.87
C PRO B 41 -15.65 9.10 6.08
N VAL B 42 -15.28 9.02 4.81
CA VAL B 42 -15.41 10.18 3.93
C VAL B 42 -16.88 10.53 3.79
N ASP B 43 -17.23 11.77 4.11
CA ASP B 43 -18.60 12.25 4.00
C ASP B 43 -18.69 13.02 2.68
N ALA B 44 -19.14 12.34 1.64
CA ALA B 44 -19.16 12.94 0.31
C ALA B 44 -20.14 14.10 0.23
N ILE B 45 -21.16 14.12 1.08
CA ILE B 45 -22.09 15.26 1.08
C ILE B 45 -21.45 16.45 1.77
N LYS B 46 -21.00 16.26 3.02
CA LYS B 46 -20.36 17.35 3.76
C LYS B 46 -19.19 17.95 2.97
N LEU B 47 -18.35 17.11 2.40
CA LEU B 47 -17.14 17.56 1.71
C LEU B 47 -17.37 17.96 0.26
N ASN B 48 -18.61 17.88 -0.24
CA ASN B 48 -18.93 18.27 -1.61
C ASN B 48 -18.09 17.47 -2.62
N LEU B 49 -18.15 16.15 -2.49
CA LEU B 49 -17.48 15.21 -3.38
C LEU B 49 -18.55 14.33 -4.02
N PRO B 50 -19.39 14.89 -4.89
CA PRO B 50 -20.59 14.16 -5.33
C PRO B 50 -20.30 12.88 -6.09
N ASP B 51 -19.09 12.71 -6.65
CA ASP B 51 -18.73 11.51 -7.38
C ASP B 51 -17.85 10.57 -6.58
N TYR B 52 -17.70 10.81 -5.28
CA TYR B 52 -16.82 9.97 -4.48
C TYR B 52 -17.23 8.51 -4.53
N HIS B 53 -18.51 8.22 -4.30
CA HIS B 53 -18.95 6.82 -4.31
C HIS B 53 -19.17 6.28 -5.71
N LYS B 54 -19.00 7.11 -6.75
CA LYS B 54 -18.91 6.55 -8.09
C LYS B 54 -17.53 5.96 -8.32
N ILE B 55 -16.51 6.66 -7.85
CA ILE B 55 -15.13 6.27 -8.10
C ILE B 55 -14.68 5.22 -7.07
N ILE B 56 -15.06 5.40 -5.81
CA ILE B 56 -14.61 4.56 -4.70
C ILE B 56 -15.77 3.66 -4.29
N LYS B 57 -15.62 2.36 -4.52
CA LYS B 57 -16.68 1.39 -4.24
C LYS B 57 -16.58 0.77 -2.85
N ASN B 58 -15.40 0.79 -2.23
CA ASN B 58 -15.17 0.17 -0.92
CA ASN B 58 -15.17 0.17 -0.92
C ASN B 58 -14.52 1.19 0.01
N PRO B 59 -15.31 2.11 0.57
CA PRO B 59 -14.74 3.09 1.50
C PRO B 59 -14.15 2.43 2.73
N MET B 60 -13.10 3.03 3.26
CA MET B 60 -12.50 2.59 4.51
C MET B 60 -11.85 3.80 5.17
N ASP B 61 -11.79 3.78 6.50
CA ASP B 61 -11.20 4.87 7.27
C ASP B 61 -10.63 4.29 8.56
N MET B 62 -9.78 5.09 9.22
CA MET B 62 -9.10 4.58 10.41
C MET B 62 -10.02 4.51 11.63
N GLY B 63 -11.07 5.34 11.68
CA GLY B 63 -12.02 5.22 12.78
C GLY B 63 -12.75 3.89 12.76
N THR B 64 -13.12 3.44 11.56
CA THR B 64 -13.74 2.12 11.38
C THR B 64 -12.77 1.00 11.73
N ILE B 65 -11.52 1.10 11.28
CA ILE B 65 -10.51 0.11 11.64
C ILE B 65 -10.37 0.01 13.15
N LYS B 66 -10.27 1.17 13.83
CA LYS B 66 -10.11 1.16 15.28
C LYS B 66 -11.29 0.49 15.96
N LYS B 67 -12.50 0.71 15.44
CA LYS B 67 -13.68 0.11 16.08
C LYS B 67 -13.75 -1.39 15.79
N ARG B 68 -13.37 -1.82 14.57
CA ARG B 68 -13.33 -3.24 14.26
C ARG B 68 -12.39 -3.98 15.21
N LEU B 69 -11.22 -3.40 15.47
CA LEU B 69 -10.29 -3.98 16.43
C LEU B 69 -10.91 -4.06 17.82
N GLU B 70 -11.59 -3.00 18.26
CA GLU B 70 -12.20 -3.02 19.59
C GLU B 70 -13.34 -4.02 19.67
N ASN B 71 -13.98 -4.35 18.55
CA ASN B 71 -15.08 -5.29 18.55
C ASN B 71 -14.64 -6.72 18.24
N ASN B 72 -13.33 -6.95 18.11
CA ASN B 72 -12.82 -8.27 17.75
C ASN B 72 -13.44 -8.74 16.44
N TYR B 73 -13.67 -7.79 15.54
CA TYR B 73 -14.26 -8.06 14.24
C TYR B 73 -13.35 -8.89 13.35
N TYR B 74 -12.04 -8.69 13.46
CA TYR B 74 -11.10 -9.33 12.55
C TYR B 74 -10.75 -10.75 12.99
N TRP B 75 -10.53 -11.61 11.99
CA TRP B 75 -9.96 -12.92 12.24
C TRP B 75 -8.44 -12.89 12.33
N SER B 76 -7.78 -12.01 11.56
CA SER B 76 -6.33 -11.99 11.54
C SER B 76 -5.84 -10.56 11.33
N ALA B 77 -4.59 -10.32 11.74
CA ALA B 77 -3.98 -9.01 11.48
C ALA B 77 -3.93 -8.70 10.00
N SER B 78 -3.82 -9.73 9.16
CA SER B 78 -3.85 -9.57 7.71
C SER B 78 -5.08 -8.79 7.26
N GLU B 79 -6.27 -9.19 7.74
CA GLU B 79 -7.51 -8.49 7.37
C GLU B 79 -7.46 -7.02 7.74
N CYS B 80 -6.89 -6.70 8.90
CA CYS B 80 -6.81 -5.31 9.31
C CYS B 80 -5.82 -4.54 8.46
N MET B 81 -4.68 -5.17 8.15
CA MET B 81 -3.73 -4.58 7.19
C MET B 81 -4.41 -4.27 5.87
N GLN B 82 -5.29 -5.15 5.39
CA GLN B 82 -5.97 -4.91 4.12
C GLN B 82 -6.89 -3.70 4.19
N ASP B 83 -7.56 -3.49 5.32
CA ASP B 83 -8.37 -2.27 5.47
C ASP B 83 -7.51 -1.02 5.44
N PHE B 84 -6.38 -1.04 6.12
CA PHE B 84 -5.46 0.09 6.01
C PHE B 84 -5.08 0.31 4.55
N ASN B 85 -4.74 -0.76 3.85
CA ASN B 85 -4.34 -0.64 2.44
C ASN B 85 -5.46 -0.02 1.61
N THR B 86 -6.68 -0.48 1.81
CA THR B 86 -7.82 0.07 1.07
C THR B 86 -8.01 1.56 1.37
N MET B 87 -7.88 1.95 2.63
CA MET B 87 -8.01 3.36 2.99
C MET B 87 -7.03 4.22 2.20
N PHE B 88 -5.75 3.81 2.18
CA PHE B 88 -4.75 4.61 1.46
C PHE B 88 -4.99 4.56 -0.03
N THR B 89 -5.25 3.36 -0.57
CA THR B 89 -5.41 3.20 -2.01
C THR B 89 -6.59 4.02 -2.53
N ASN B 90 -7.71 4.01 -1.80
CA ASN B 90 -8.84 4.87 -2.15
C ASN B 90 -8.40 6.32 -2.26
N CYS B 91 -7.59 6.78 -1.33
CA CYS B 91 -7.19 8.17 -1.31
C CYS B 91 -6.34 8.50 -2.53
N TYR B 92 -5.40 7.62 -2.88
CA TYR B 92 -4.59 7.81 -4.08
C TYR B 92 -5.43 7.79 -5.34
N ILE B 93 -6.46 6.93 -5.39
CA ILE B 93 -7.26 6.80 -6.60
C ILE B 93 -8.16 8.02 -6.79
N TYR B 94 -8.86 8.42 -5.73
CA TYR B 94 -9.88 9.45 -5.89
C TYR B 94 -9.28 10.83 -6.08
N ASN B 95 -8.24 11.16 -5.31
CA ASN B 95 -7.81 12.54 -5.25
C ASN B 95 -6.82 12.87 -6.36
N LYS B 96 -6.48 14.16 -6.48
CA LYS B 96 -5.61 14.59 -7.55
C LYS B 96 -4.16 14.37 -7.16
N PRO B 97 -3.29 14.09 -8.13
CA PRO B 97 -1.87 13.90 -7.81
C PRO B 97 -1.24 15.04 -7.03
N THR B 98 -1.72 16.27 -7.23
CA THR B 98 -1.14 17.45 -6.61
C THR B 98 -1.81 17.81 -5.29
N ASP B 99 -2.80 17.05 -4.83
CA ASP B 99 -3.47 17.34 -3.56
C ASP B 99 -2.57 17.05 -2.36
N ASP B 100 -2.63 17.93 -1.36
CA ASP B 100 -1.96 17.66 -0.09
C ASP B 100 -2.35 16.29 0.47
N ILE B 101 -3.61 15.88 0.34
CA ILE B 101 -4.03 14.69 1.07
C ILE B 101 -3.31 13.44 0.55
N VAL B 102 -2.88 13.45 -0.71
CA VAL B 102 -2.09 12.33 -1.24
C VAL B 102 -0.75 12.25 -0.49
N LEU B 103 -0.09 13.40 -0.31
CA LEU B 103 1.16 13.45 0.42
C LEU B 103 0.97 13.00 1.86
N MET B 104 -0.12 13.42 2.47
CA MET B 104 -0.43 13.00 3.84
C MET B 104 -0.61 11.49 3.93
N ALA B 105 -1.38 10.92 3.00
CA ALA B 105 -1.56 9.48 3.00
C ALA B 105 -0.23 8.75 2.78
N GLN B 106 0.62 9.27 1.91
CA GLN B 106 1.92 8.64 1.70
C GLN B 106 2.74 8.61 2.99
N ALA B 107 2.76 9.74 3.71
CA ALA B 107 3.51 9.81 4.95
C ALA B 107 2.97 8.82 5.98
N LEU B 108 1.64 8.69 6.06
CA LEU B 108 1.08 7.75 7.03
C LEU B 108 1.33 6.31 6.61
N GLU B 109 1.22 6.01 5.33
CA GLU B 109 1.36 4.62 4.89
C GLU B 109 2.80 4.15 5.00
N LYS B 110 3.77 5.07 4.87
CA LYS B 110 5.16 4.69 5.11
C LYS B 110 5.34 4.17 6.53
N ILE B 111 4.77 4.89 7.51
CA ILE B 111 4.82 4.46 8.91
C ILE B 111 4.09 3.14 9.07
N PHE B 112 2.93 3.01 8.43
CA PHE B 112 2.17 1.76 8.46
C PHE B 112 3.01 0.58 8.03
N LEU B 113 3.74 0.72 6.92
CA LEU B 113 4.56 -0.40 6.44
C LEU B 113 5.76 -0.64 7.35
N GLN B 114 6.33 0.43 7.91
CA GLN B 114 7.43 0.26 8.83
C GLN B 114 7.00 -0.53 10.06
N LYS B 115 5.79 -0.30 10.54
CA LYS B 115 5.29 -1.03 11.70
C LYS B 115 4.90 -2.47 11.33
N VAL B 116 4.33 -2.66 10.14
CA VAL B 116 3.98 -4.01 9.68
C VAL B 116 5.23 -4.87 9.55
N ALA B 117 6.35 -4.28 9.11
CA ALA B 117 7.61 -5.01 9.00
C ALA B 117 8.14 -5.45 10.36
N GLN B 118 7.74 -4.79 11.45
CA GLN B 118 8.19 -5.12 12.78
C GLN B 118 7.15 -5.89 13.57
N MET B 119 6.23 -6.53 12.87
CA MET B 119 5.12 -7.22 13.52
C MET B 119 5.62 -8.42 14.32
N PRO B 120 5.13 -8.63 15.55
CA PRO B 120 5.60 -9.75 16.36
C PRO B 120 5.04 -11.08 15.88
N GLN B 121 5.63 -12.16 16.37
CA GLN B 121 5.26 -13.51 15.94
C GLN B 121 3.86 -13.92 16.39
N THR C 4 -4.42 10.26 -24.24
CA THR C 4 -3.42 9.26 -23.91
C THR C 4 -3.79 8.51 -22.64
N GLY C 5 -2.94 7.57 -22.23
CA GLY C 5 -3.18 6.77 -21.04
C GLY C 5 -2.74 5.35 -21.30
N PHE C 7 -4.20 1.46 -20.08
CA PHE C 7 -5.36 0.62 -20.38
C PHE C 7 -6.05 0.26 -19.07
N THR D 4 -14.28 21.21 -7.48
CA THR D 4 -14.56 20.04 -6.66
C THR D 4 -13.29 19.23 -6.39
N GLY D 5 -13.15 18.72 -5.16
CA GLY D 5 -12.02 17.94 -4.73
C GLY D 5 -11.76 18.17 -3.25
N PHE D 7 -8.18 18.61 -0.88
CA PHE D 7 -7.12 19.62 -0.71
C PHE D 7 -5.77 18.93 -0.83
#